data_2YIF
#
_entry.id   2YIF
#
_cell.length_a   73.472
_cell.length_b   73.472
_cell.length_c   135.168
_cell.angle_alpha   90.00
_cell.angle_beta   90.00
_cell.angle_gamma   120.00
#
_symmetry.space_group_name_H-M   'P 31 2 1'
#
loop_
_entity.id
_entity.type
_entity.pdbx_description
1 polymer 'FMN RIBOSWITCH'
2 polymer 'FMN RIBOSWITCH'
3 non-polymer 'MAGNESIUM ION'
4 non-polymer 'POTASSIUM ION'
5 water water
#
loop_
_entity_poly.entity_id
_entity_poly.type
_entity_poly.pdbx_seq_one_letter_code
_entity_poly.pdbx_strand_id
1 'polyribonucleotide' (GTP)GAUCUUCGGGGCAGGGUGAAAUUCCCGACCGGUGGUAUAGUCCACGAAUCCAU X
2 'polyribonucleotide' (GTP)GAUUGAUUUGGUGAAAUUCCAAAACCGACAGUAGAGUCUGGAUGAGAGAAGAUUCG Z
#